data_7WQW
#
_entry.id   7WQW
#
_cell.length_a   1.00
_cell.length_b   1.00
_cell.length_c   1.00
_cell.angle_alpha   90.00
_cell.angle_beta   90.00
_cell.angle_gamma   90.00
#
_symmetry.space_group_name_H-M   'P 1'
#
loop_
_entity.id
_entity.type
_entity.pdbx_description
1 polymer 'Enteropeptidase non-catalytic heavy chain'
2 polymer 'Enteropeptidase catalytic light chain'
3 non-polymer 2-acetamido-2-deoxy-beta-D-glucopyranose
#
loop_
_entity_poly.entity_id
_entity_poly.type
_entity_poly.pdbx_seq_one_letter_code
_entity_poly.pdbx_strand_id
1 'polypeptide(L)'
;CGGPFELWEPNTTFSSTNFPNSYPNLAFCVWILNAQKGKNIQLHFQEFDLENINDVVEIRDGEEADSLLLAVYTGPGPVK
DVFSTTNRMTVLLITNDVLARGGFKANFTTGYHLGIPEPCKADHFQCKNGECVPLVNLCDGHLHCEDGSDEADCVRFFNG
TTNNNGLVRFRIQSIWHTACAENWTTQISNDVCQLLGLGSGNSSKPIFPTDGGPFVKLNTAPDGHLILTPSQQCLQDSLI
RLQCNHKSCGKKLAAQDITPK
;
A
2 'polypeptide(L)'
;IVGGSNAKEGAWPWVVGLYYGGRLLCGASLVSSDWLVSAAHCVYGRNLEPSKWTAILGLHMKSNLTSPQTVPRLIDEIVI
NPHYNRRRKDNDIAMMHLEFKVNYTDYIQPICLPEENQVFPPGRNCSIAGWGTVVYQGTTANILQEADVPLLSNERCQQQ
MPEYNITENMICAGYEEGGIDSCQGDSGGPLMCQENNRWFLAGVTSFGYKCALPNRPGVYARVSRFTEWIQSFLH
;
B
#
loop_
_chem_comp.id
_chem_comp.type
_chem_comp.name
_chem_comp.formula
NAG D-saccharide, beta linking 2-acetamido-2-deoxy-beta-D-glucopyranose 'C8 H15 N O6'
#
# COMPACT_ATOMS: atom_id res chain seq x y z
N CYS A 1 -28.81 -0.04 15.66
CA CYS A 1 -29.09 1.00 14.69
C CYS A 1 -29.34 2.34 15.38
N GLY A 2 -30.13 2.31 16.45
CA GLY A 2 -30.46 3.52 17.19
C GLY A 2 -29.91 3.51 18.60
N GLY A 3 -28.68 3.06 18.76
CA GLY A 3 -28.05 2.98 20.06
C GLY A 3 -27.57 4.34 20.55
N PRO A 4 -26.48 4.34 21.31
CA PRO A 4 -25.96 5.61 21.86
C PRO A 4 -25.39 6.52 20.78
N PHE A 5 -24.87 7.66 21.19
CA PHE A 5 -24.38 8.68 20.26
C PHE A 5 -23.20 9.39 20.92
N GLU A 6 -22.88 10.58 20.40
CA GLU A 6 -21.69 11.32 20.85
C GLU A 6 -21.68 11.50 22.37
N LEU A 7 -20.48 11.42 22.95
CA LEU A 7 -20.28 11.54 24.39
C LEU A 7 -19.27 12.64 24.65
N TRP A 8 -18.95 12.85 25.92
CA TRP A 8 -18.00 13.87 26.34
C TRP A 8 -17.17 13.32 27.50
N GLU A 9 -16.45 14.21 28.17
CA GLU A 9 -15.56 13.78 29.25
C GLU A 9 -16.31 13.15 30.43
N PRO A 10 -17.41 13.72 30.95
CA PRO A 10 -18.09 13.07 32.08
C PRO A 10 -18.65 11.69 31.75
N ASN A 11 -18.89 11.39 30.49
CA ASN A 11 -19.44 10.10 30.08
C ASN A 11 -18.38 9.33 29.28
N THR A 12 -17.65 8.45 29.96
CA THR A 12 -16.60 7.68 29.32
C THR A 12 -17.00 6.21 29.16
N THR A 13 -17.49 5.60 30.24
CA THR A 13 -17.88 4.20 30.19
C THR A 13 -19.18 4.02 29.40
N PHE A 14 -19.17 3.10 28.44
CA PHE A 14 -20.35 2.83 27.64
C PHE A 14 -20.29 1.40 27.10
N SER A 15 -21.44 0.72 27.16
CA SER A 15 -21.59 -0.58 26.52
C SER A 15 -21.87 -0.37 25.03
N SER A 16 -22.03 -1.47 24.28
CA SER A 16 -22.30 -1.31 22.86
C SER A 16 -23.78 -1.03 22.62
N THR A 17 -24.64 -2.03 22.84
CA THR A 17 -26.07 -1.76 23.00
C THR A 17 -26.64 -2.57 24.15
N ASN A 18 -26.26 -3.85 24.23
CA ASN A 18 -26.74 -4.77 25.25
C ASN A 18 -25.59 -5.66 25.72
N PHE A 19 -24.44 -5.05 25.97
CA PHE A 19 -23.23 -5.79 26.35
C PHE A 19 -23.42 -6.80 27.48
N PRO A 20 -24.23 -6.54 28.53
CA PRO A 20 -24.37 -7.57 29.58
C PRO A 20 -24.79 -8.94 29.08
N ASN A 21 -25.64 -9.03 28.05
CA ASN A 21 -26.09 -10.32 27.56
C ASN A 21 -25.61 -10.61 26.13
N SER A 22 -26.01 -9.80 25.16
CA SER A 22 -25.63 -10.00 23.77
C SER A 22 -26.14 -8.82 22.94
N TYR A 23 -25.39 -8.50 21.87
CA TYR A 23 -25.88 -7.43 21.02
C TYR A 23 -26.77 -7.98 19.92
N PRO A 24 -27.78 -7.24 19.50
CA PRO A 24 -28.66 -7.70 18.42
C PRO A 24 -27.94 -7.68 17.07
N ASN A 25 -28.55 -8.34 16.11
CA ASN A 25 -28.00 -8.45 14.77
C ASN A 25 -28.38 -7.25 13.92
N LEU A 26 -27.63 -7.06 12.83
CA LEU A 26 -27.82 -5.95 11.89
C LEU A 26 -27.75 -4.60 12.58
N ALA A 27 -26.95 -4.48 13.62
CA ALA A 27 -26.82 -3.22 14.35
C ALA A 27 -25.76 -2.34 13.70
N PHE A 28 -26.01 -1.03 13.75
CA PHE A 28 -25.08 -0.02 13.23
C PHE A 28 -25.12 1.16 14.18
N CYS A 29 -24.23 1.15 15.17
CA CYS A 29 -24.17 2.20 16.18
C CYS A 29 -23.00 3.13 15.90
N VAL A 30 -22.90 4.20 16.69
CA VAL A 30 -21.83 5.18 16.54
C VAL A 30 -21.63 5.91 17.86
N TRP A 31 -20.38 6.03 18.29
CA TRP A 31 -20.01 6.72 19.54
C TRP A 31 -18.97 7.76 19.20
N ILE A 32 -19.42 8.98 18.90
CA ILE A 32 -18.53 10.08 18.55
C ILE A 32 -17.89 10.58 19.84
N LEU A 33 -16.63 10.21 20.07
CA LEU A 33 -15.92 10.55 21.30
C LEU A 33 -15.28 11.92 21.13
N ASN A 34 -15.96 12.95 21.63
CA ASN A 34 -15.47 14.32 21.51
C ASN A 34 -14.42 14.62 22.57
N ALA A 35 -13.81 15.79 22.43
CA ALA A 35 -12.79 16.26 23.38
C ALA A 35 -12.63 17.75 23.20
N GLN A 36 -11.69 18.33 23.95
CA GLN A 36 -11.37 19.74 23.85
C GLN A 36 -10.37 19.98 22.72
N LYS A 37 -10.28 21.24 22.30
CA LYS A 37 -9.39 21.62 21.21
C LYS A 37 -7.93 21.37 21.59
N GLY A 38 -7.31 20.38 20.93
CA GLY A 38 -5.94 20.01 21.22
C GLY A 38 -5.77 18.78 22.08
N LYS A 39 -6.85 18.07 22.38
CA LYS A 39 -6.80 16.86 23.22
C LYS A 39 -7.25 15.67 22.40
N ASN A 40 -6.39 14.66 22.30
CA ASN A 40 -6.72 13.46 21.55
C ASN A 40 -7.49 12.48 22.43
N ILE A 41 -7.81 11.31 21.87
CA ILE A 41 -8.61 10.30 22.54
C ILE A 41 -7.79 9.03 22.66
N GLN A 42 -7.87 8.39 23.83
CA GLN A 42 -7.21 7.11 24.09
C GLN A 42 -8.29 6.11 24.49
N LEU A 43 -8.70 5.28 23.54
CA LEU A 43 -9.81 4.34 23.74
C LEU A 43 -9.25 3.02 24.23
N HIS A 44 -9.48 2.71 25.51
CA HIS A 44 -9.07 1.45 26.10
C HIS A 44 -10.28 0.54 26.25
N PHE A 45 -10.19 -0.67 25.73
CA PHE A 45 -11.27 -1.65 25.77
C PHE A 45 -11.14 -2.49 27.04
N GLN A 46 -12.13 -2.37 27.93
CA GLN A 46 -12.12 -3.20 29.14
C GLN A 46 -12.40 -4.66 28.82
N GLU A 47 -13.23 -4.92 27.82
CA GLU A 47 -13.56 -6.27 27.40
C GLU A 47 -14.00 -6.24 25.95
N PHE A 48 -13.61 -7.25 25.19
CA PHE A 48 -13.90 -7.30 23.76
C PHE A 48 -14.15 -8.75 23.36
N ASP A 49 -15.34 -9.02 22.83
CA ASP A 49 -15.70 -10.38 22.41
C ASP A 49 -16.77 -10.26 21.33
N LEU A 50 -16.37 -10.45 20.08
CA LEU A 50 -17.32 -10.35 18.97
C LEU A 50 -17.30 -11.59 18.09
N GLU A 51 -17.98 -11.53 16.95
CA GLU A 51 -18.03 -12.63 16.00
C GLU A 51 -16.79 -12.57 15.10
N ASN A 52 -16.81 -13.32 14.01
CA ASN A 52 -15.70 -13.39 13.08
C ASN A 52 -15.67 -12.15 12.19
N ILE A 53 -14.90 -12.22 11.10
CA ILE A 53 -14.70 -11.09 10.19
C ILE A 53 -16.00 -10.43 9.79
N ASN A 54 -17.11 -11.19 9.76
CA ASN A 54 -18.39 -10.62 9.36
C ASN A 54 -18.88 -9.55 10.34
N ASP A 55 -18.40 -9.55 11.58
CA ASP A 55 -18.75 -8.53 12.56
C ASP A 55 -17.46 -7.84 13.01
N VAL A 56 -17.34 -6.54 12.71
CA VAL A 56 -16.14 -5.78 13.02
C VAL A 56 -16.54 -4.48 13.69
N VAL A 57 -15.56 -3.86 14.35
CA VAL A 57 -15.69 -2.54 14.95
C VAL A 57 -14.69 -1.62 14.25
N GLU A 58 -15.20 -0.59 13.60
CA GLU A 58 -14.37 0.36 12.87
C GLU A 58 -14.21 1.63 13.70
N ILE A 59 -12.96 1.94 14.06
CA ILE A 59 -12.64 3.12 14.85
C ILE A 59 -11.99 4.14 13.94
N ARG A 60 -12.52 5.36 13.95
CA ARG A 60 -12.08 6.42 13.05
C ARG A 60 -11.59 7.62 13.84
N ASP A 61 -10.95 8.54 13.11
CA ASP A 61 -10.42 9.79 13.65
C ASP A 61 -10.82 10.95 12.76
N GLY A 62 -12.11 11.01 12.43
CA GLY A 62 -12.61 11.90 11.40
C GLY A 62 -12.34 13.38 11.57
N GLU A 63 -12.97 14.00 12.55
CA GLU A 63 -12.96 15.44 12.81
C GLU A 63 -13.71 16.21 11.73
N GLU A 64 -14.17 15.55 10.68
CA GLU A 64 -14.88 16.18 9.56
C GLU A 64 -15.51 15.06 8.74
N ALA A 65 -16.04 15.42 7.57
CA ALA A 65 -16.63 14.42 6.69
C ALA A 65 -15.59 13.51 6.06
N ASP A 66 -14.32 13.94 6.01
CA ASP A 66 -13.24 13.13 5.45
C ASP A 66 -12.58 12.32 6.57
N SER A 67 -13.31 11.31 7.02
CA SER A 67 -12.83 10.50 8.14
C SER A 67 -11.74 9.54 7.70
N LEU A 68 -10.81 9.29 8.62
CA LEU A 68 -9.72 8.35 8.40
C LEU A 68 -10.07 7.01 9.06
N LEU A 69 -9.11 6.10 9.08
CA LEU A 69 -9.30 4.79 9.70
C LEU A 69 -8.15 4.54 10.67
N LEU A 70 -8.50 4.23 11.93
CA LEU A 70 -7.51 3.95 12.97
C LEU A 70 -7.26 2.46 13.15
N ALA A 71 -8.31 1.68 13.40
CA ALA A 71 -8.16 0.24 13.60
C ALA A 71 -9.50 -0.44 13.38
N VAL A 72 -9.43 -1.69 12.95
CA VAL A 72 -10.61 -2.54 12.75
C VAL A 72 -10.43 -3.77 13.62
N TYR A 73 -11.24 -3.89 14.67
CA TYR A 73 -11.12 -4.98 15.62
C TYR A 73 -12.29 -5.95 15.46
N THR A 74 -11.99 -7.23 15.64
CA THR A 74 -13.00 -8.29 15.52
C THR A 74 -12.49 -9.53 16.22
N GLY A 75 -13.42 -10.44 16.52
CA GLY A 75 -13.08 -11.69 17.15
C GLY A 75 -12.77 -11.54 18.63
N PRO A 76 -12.83 -12.65 19.37
CA PRO A 76 -12.53 -12.59 20.80
C PRO A 76 -11.04 -12.44 21.05
N GLY A 77 -10.70 -11.59 22.00
CA GLY A 77 -9.32 -11.36 22.38
C GLY A 77 -9.08 -9.93 22.84
N PRO A 78 -8.07 -9.76 23.70
CA PRO A 78 -7.74 -8.41 24.17
C PRO A 78 -7.11 -7.55 23.08
N VAL A 79 -7.85 -6.53 22.64
CA VAL A 79 -7.38 -5.67 21.56
C VAL A 79 -6.57 -4.52 22.14
N LYS A 80 -5.68 -3.97 21.33
CA LYS A 80 -4.82 -2.89 21.76
C LYS A 80 -5.61 -1.59 21.93
N ASP A 81 -5.03 -0.66 22.68
CA ASP A 81 -5.64 0.64 22.89
C ASP A 81 -5.39 1.54 21.67
N VAL A 82 -6.46 2.14 21.16
CA VAL A 82 -6.37 3.01 19.99
C VAL A 82 -6.10 4.44 20.46
N PHE A 83 -5.11 5.08 19.86
CA PHE A 83 -4.72 6.44 20.20
C PHE A 83 -5.10 7.35 19.04
N SER A 84 -5.99 8.30 19.31
CA SER A 84 -6.43 9.24 18.28
C SER A 84 -5.40 10.34 18.09
N THR A 85 -5.61 11.15 17.04
CA THR A 85 -4.76 12.30 16.76
C THR A 85 -5.52 13.61 16.78
N THR A 86 -6.85 13.59 16.82
CA THR A 86 -7.67 14.80 16.89
C THR A 86 -8.61 14.69 18.09
N ASN A 87 -9.46 15.69 18.25
CA ASN A 87 -10.41 15.74 19.35
C ASN A 87 -11.75 15.07 19.02
N ARG A 88 -11.76 14.14 18.09
CA ARG A 88 -12.99 13.44 17.72
C ARG A 88 -12.63 12.03 17.26
N MET A 89 -13.35 11.04 17.79
CA MET A 89 -13.16 9.64 17.41
C MET A 89 -14.53 9.02 17.17
N THR A 90 -14.67 8.35 16.03
CA THR A 90 -15.92 7.69 15.65
C THR A 90 -15.73 6.18 15.71
N VAL A 91 -16.58 5.51 16.49
CA VAL A 91 -16.54 4.07 16.64
C VAL A 91 -17.79 3.49 16.00
N LEU A 92 -17.62 2.71 14.94
CA LEU A 92 -18.72 2.13 14.19
C LEU A 92 -18.79 0.63 14.46
N LEU A 93 -19.98 0.16 14.82
CA LEU A 93 -20.22 -1.26 15.07
C LEU A 93 -21.06 -1.81 13.91
N ILE A 94 -20.46 -2.64 13.09
CA ILE A 94 -21.12 -3.24 11.93
C ILE A 94 -21.30 -4.73 12.23
N THR A 95 -22.56 -5.18 12.25
CA THR A 95 -22.90 -6.55 12.61
C THR A 95 -23.67 -7.22 11.48
N ASN A 96 -23.58 -8.55 11.44
CA ASN A 96 -24.30 -9.35 10.46
C ASN A 96 -25.72 -9.64 10.97
N ASP A 97 -26.41 -10.58 10.33
CA ASP A 97 -27.78 -10.91 10.67
C ASP A 97 -27.91 -12.30 11.32
N VAL A 98 -26.82 -12.86 11.84
CA VAL A 98 -26.86 -14.19 12.44
C VAL A 98 -25.64 -14.34 13.33
N LEU A 99 -25.72 -15.27 14.29
CA LEU A 99 -24.63 -15.58 15.22
C LEU A 99 -24.19 -14.32 16.00
N ALA A 100 -25.11 -13.82 16.81
CA ALA A 100 -24.84 -12.65 17.62
C ALA A 100 -23.98 -13.02 18.82
N ARG A 101 -22.93 -12.25 19.05
CA ARG A 101 -22.02 -12.46 20.16
C ARG A 101 -22.42 -11.55 21.32
N GLY A 102 -21.58 -11.48 22.35
CA GLY A 102 -21.86 -10.66 23.51
C GLY A 102 -21.76 -9.18 23.26
N GLY A 103 -20.57 -8.69 22.99
CA GLY A 103 -20.35 -7.28 22.74
C GLY A 103 -18.99 -6.85 23.26
N PHE A 104 -18.90 -5.60 23.67
CA PHE A 104 -17.67 -5.04 24.21
C PHE A 104 -18.02 -3.91 25.18
N LYS A 105 -16.99 -3.38 25.83
CA LYS A 105 -17.16 -2.28 26.77
C LYS A 105 -15.85 -1.54 26.90
N ALA A 106 -15.87 -0.22 26.66
CA ALA A 106 -14.67 0.58 26.65
C ALA A 106 -14.96 1.97 27.20
N ASN A 107 -13.93 2.62 27.73
CA ASN A 107 -14.01 3.99 28.20
C ASN A 107 -12.73 4.72 27.81
N PHE A 108 -12.86 5.97 27.40
CA PHE A 108 -11.74 6.74 26.87
C PHE A 108 -11.32 7.84 27.85
N THR A 109 -10.29 8.59 27.45
CA THR A 109 -9.81 9.72 28.23
C THR A 109 -9.10 10.70 27.30
N THR A 110 -9.03 11.95 27.72
CA THR A 110 -8.36 12.99 26.95
C THR A 110 -6.94 13.18 27.46
N GLY A 111 -6.25 14.21 26.96
CA GLY A 111 -4.90 14.49 27.39
C GLY A 111 -4.19 15.35 26.37
N TYR A 112 -2.87 15.16 26.29
CA TYR A 112 -2.03 15.89 25.35
C TYR A 112 -0.95 14.95 24.83
N HIS A 113 -0.98 14.69 23.52
CA HIS A 113 0.01 13.84 22.86
C HIS A 113 0.05 12.44 23.48
N LEU A 114 -1.13 11.85 23.66
CA LEU A 114 -1.20 10.49 24.18
C LEU A 114 -0.81 9.48 23.13
N GLY A 115 -0.14 8.41 23.57
CA GLY A 115 0.35 7.40 22.66
C GLY A 115 1.76 7.68 22.18
N ILE A 116 1.97 8.85 21.59
CA ILE A 116 3.30 9.26 21.14
C ILE A 116 4.16 9.55 22.36
N PRO A 117 5.28 8.86 22.54
CA PRO A 117 6.14 9.11 23.70
C PRO A 117 6.77 10.48 23.65
N GLU A 118 7.28 10.91 24.80
CA GLU A 118 7.90 12.23 24.92
C GLU A 118 9.22 12.25 24.15
N PRO A 119 9.36 13.12 23.14
CA PRO A 119 10.62 13.18 22.39
C PRO A 119 11.74 13.74 23.25
N CYS A 120 12.84 12.99 23.35
CA CYS A 120 13.98 13.44 24.14
C CYS A 120 14.68 14.59 23.44
N LYS A 121 14.94 15.65 24.19
CA LYS A 121 15.59 16.85 23.65
C LYS A 121 17.11 16.69 23.74
N ALA A 122 17.82 17.80 23.51
CA ALA A 122 19.28 17.85 23.60
C ALA A 122 19.93 16.89 22.60
N ASP A 123 19.62 17.12 21.32
CA ASP A 123 20.20 16.38 20.20
C ASP A 123 19.94 14.87 20.33
N HIS A 124 18.66 14.51 20.29
CA HIS A 124 18.23 13.12 20.33
C HIS A 124 17.20 12.91 19.23
N PHE A 125 17.62 12.27 18.14
CA PHE A 125 16.70 12.00 17.03
C PHE A 125 15.74 10.89 17.41
N GLN A 126 14.45 11.12 17.15
CA GLN A 126 13.38 10.17 17.48
C GLN A 126 12.75 9.69 16.18
N CYS A 127 12.85 8.39 15.92
CA CYS A 127 12.22 7.80 14.75
C CYS A 127 10.73 7.62 15.01
N LYS A 128 10.02 7.10 14.00
CA LYS A 128 8.57 7.01 14.07
C LYS A 128 8.10 6.07 15.17
N ASN A 129 8.88 5.03 15.48
CA ASN A 129 8.48 4.08 16.52
C ASN A 129 8.71 4.61 17.93
N GLY A 130 9.47 5.70 18.08
CA GLY A 130 9.71 6.30 19.37
C GLY A 130 11.10 6.06 19.94
N GLU A 131 11.87 5.15 19.36
CA GLU A 131 13.21 4.88 19.85
C GLU A 131 14.14 6.07 19.58
N CYS A 132 15.07 6.29 20.50
CA CYS A 132 15.98 7.43 20.45
C CYS A 132 17.34 7.00 19.94
N VAL A 133 17.83 7.70 18.92
CA VAL A 133 19.15 7.47 18.36
C VAL A 133 19.76 8.81 17.98
N PRO A 134 20.56 9.42 18.85
CA PRO A 134 21.10 10.77 18.56
C PRO A 134 21.94 10.82 17.29
N LEU A 135 23.01 10.03 17.25
CA LEU A 135 23.91 10.03 16.09
C LEU A 135 24.40 8.64 15.70
N VAL A 136 23.94 7.57 16.35
CA VAL A 136 24.46 6.25 16.06
C VAL A 136 23.78 5.61 14.85
N ASN A 137 22.59 6.08 14.48
CA ASN A 137 21.88 5.53 13.33
C ASN A 137 21.26 6.65 12.49
N LEU A 138 22.03 7.72 12.26
CA LEU A 138 21.56 8.85 11.47
C LEU A 138 22.11 8.71 10.06
N CYS A 139 21.50 7.80 9.30
CA CYS A 139 21.87 7.51 7.92
C CYS A 139 23.34 7.13 7.81
N ASP A 140 23.69 6.02 8.47
CA ASP A 140 25.05 5.52 8.46
C ASP A 140 25.16 4.04 8.07
N GLY A 141 24.06 3.31 8.00
CA GLY A 141 24.12 1.92 7.59
C GLY A 141 23.78 0.92 8.68
N HIS A 142 22.89 1.30 9.59
CA HIS A 142 22.44 0.43 10.68
C HIS A 142 20.93 0.41 10.72
N LEU A 143 20.37 -0.44 11.58
CA LEU A 143 18.94 -0.67 11.69
C LEU A 143 18.49 -0.64 13.14
N HIS A 144 18.89 0.40 13.87
CA HIS A 144 18.50 0.53 15.28
C HIS A 144 16.98 0.58 15.42
N CYS A 145 16.34 1.56 14.78
CA CYS A 145 14.90 1.66 14.81
C CYS A 145 14.29 0.49 14.02
N GLU A 146 13.46 -0.31 14.70
CA GLU A 146 12.92 -1.51 14.07
C GLU A 146 11.93 -1.20 12.96
N ASP A 147 11.32 -0.01 12.98
CA ASP A 147 10.36 0.36 11.93
C ASP A 147 11.04 0.78 10.64
N GLY A 148 12.36 0.92 10.62
CA GLY A 148 13.07 1.35 9.43
C GLY A 148 13.14 2.83 9.23
N SER A 149 12.68 3.64 10.19
CA SER A 149 12.70 5.09 10.04
C SER A 149 14.08 5.68 10.28
N ASP A 150 14.99 4.92 10.90
CA ASP A 150 16.34 5.42 11.12
C ASP A 150 17.13 5.57 9.83
N GLU A 151 16.74 4.86 8.78
CA GLU A 151 17.36 4.97 7.46
C GLU A 151 16.48 5.76 6.50
N ALA A 152 15.84 6.82 6.99
CA ALA A 152 14.96 7.63 6.17
C ALA A 152 15.76 8.33 5.06
N ASP A 153 15.04 9.03 4.19
CA ASP A 153 15.63 9.65 3.01
C ASP A 153 16.53 10.81 3.45
N CYS A 154 17.84 10.57 3.45
CA CYS A 154 18.83 11.62 3.67
C CYS A 154 19.49 12.05 2.36
N VAL A 155 18.94 11.62 1.23
CA VAL A 155 19.47 11.98 -0.09
C VAL A 155 18.32 11.96 -1.08
N ARG A 156 18.27 12.96 -1.94
CA ARG A 156 17.21 13.05 -2.95
C ARG A 156 17.71 13.91 -4.10
N PHE A 157 16.92 13.96 -5.16
CA PHE A 157 17.24 14.74 -6.34
C PHE A 157 16.99 16.22 -6.07
N PHE A 158 17.36 17.05 -7.05
CA PHE A 158 17.20 18.49 -6.94
C PHE A 158 17.25 19.09 -8.34
N ASN A 159 16.24 19.86 -8.70
CA ASN A 159 16.11 20.45 -10.04
C ASN A 159 16.15 19.37 -11.12
N GLY A 160 15.23 18.43 -11.02
CA GLY A 160 15.15 17.34 -11.96
C GLY A 160 13.98 17.45 -12.92
N THR A 161 14.22 17.15 -14.20
CA THR A 161 13.14 17.21 -15.19
C THR A 161 12.11 16.12 -14.94
N THR A 162 12.54 14.87 -14.97
CA THR A 162 11.66 13.73 -14.73
C THR A 162 11.87 13.22 -13.31
N ASN A 163 11.24 12.09 -12.99
CA ASN A 163 11.33 11.54 -11.64
C ASN A 163 12.74 11.01 -11.36
N ASN A 164 13.26 10.18 -12.26
CA ASN A 164 14.59 9.59 -12.08
C ASN A 164 15.69 10.49 -12.63
N ASN A 165 15.71 11.74 -12.17
CA ASN A 165 16.72 12.70 -12.61
C ASN A 165 16.79 13.83 -11.59
N GLY A 166 17.99 14.37 -11.42
CA GLY A 166 18.19 15.47 -10.49
C GLY A 166 19.64 15.58 -10.10
N LEU A 167 19.87 16.25 -8.98
CA LEU A 167 21.21 16.50 -8.46
C LEU A 167 21.62 15.38 -7.51
N VAL A 168 22.71 15.59 -6.77
CA VAL A 168 23.26 14.59 -5.87
C VAL A 168 23.13 15.10 -4.44
N ARG A 169 22.07 15.87 -4.19
CA ARG A 169 21.81 16.46 -2.87
C ARG A 169 21.81 15.41 -1.77
N PHE A 170 22.77 15.49 -0.86
CA PHE A 170 22.91 14.57 0.26
C PHE A 170 22.65 15.30 1.57
N ARG A 171 22.78 14.56 2.67
CA ARG A 171 22.60 15.12 4.01
C ARG A 171 23.28 14.19 4.99
N ILE A 172 24.33 14.68 5.66
CA ILE A 172 25.10 13.81 6.55
C ILE A 172 24.36 13.60 7.87
N GLN A 173 24.16 14.66 8.65
CA GLN A 173 23.39 14.57 9.88
C GLN A 173 22.16 15.46 9.88
N SER A 174 22.31 16.76 9.66
CA SER A 174 21.19 17.70 9.67
C SER A 174 21.06 18.50 8.39
N ILE A 175 22.16 19.08 7.92
CA ILE A 175 22.12 20.03 6.80
C ILE A 175 22.21 19.28 5.49
N TRP A 176 21.36 19.67 4.54
CA TRP A 176 21.39 19.10 3.20
C TRP A 176 22.41 19.84 2.34
N HIS A 177 23.08 19.10 1.46
CA HIS A 177 24.11 19.67 0.61
C HIS A 177 24.37 18.74 -0.55
N THR A 178 25.01 19.29 -1.59
CA THR A 178 25.33 18.54 -2.79
C THR A 178 26.69 17.87 -2.63
N ALA A 179 27.23 17.33 -3.73
CA ALA A 179 28.51 16.64 -3.71
C ALA A 179 29.26 16.91 -5.00
N CYS A 180 30.53 16.51 -5.03
CA CYS A 180 31.40 16.68 -6.17
C CYS A 180 31.69 15.33 -6.82
N ALA A 181 32.35 15.36 -7.97
CA ALA A 181 32.68 14.17 -8.75
C ALA A 181 34.15 14.14 -9.08
N GLU A 182 34.99 14.39 -8.08
CA GLU A 182 36.44 14.34 -8.29
C GLU A 182 36.91 12.91 -8.56
N ASN A 183 36.44 11.96 -7.77
CA ASN A 183 36.77 10.55 -7.98
C ASN A 183 35.52 9.73 -8.23
N TRP A 184 34.61 10.25 -9.05
CA TRP A 184 33.36 9.55 -9.33
C TRP A 184 33.61 8.29 -10.15
N THR A 185 33.04 7.18 -9.70
CA THR A 185 33.17 5.90 -10.39
C THR A 185 31.79 5.28 -10.56
N THR A 186 31.75 4.17 -11.29
CA THR A 186 30.48 3.48 -11.49
C THR A 186 30.01 2.77 -10.22
N GLN A 187 30.94 2.43 -9.34
CA GLN A 187 30.57 1.76 -8.09
C GLN A 187 29.69 2.66 -7.23
N ILE A 188 30.18 3.85 -6.89
CA ILE A 188 29.38 4.79 -6.11
C ILE A 188 28.16 5.23 -6.89
N SER A 189 28.25 5.20 -8.22
CA SER A 189 27.09 5.56 -9.04
C SER A 189 25.94 4.59 -8.80
N ASN A 190 26.18 3.29 -8.97
CA ASN A 190 25.13 2.32 -8.70
C ASN A 190 24.76 2.28 -7.22
N ASP A 191 25.71 2.62 -6.34
CA ASP A 191 25.39 2.68 -4.92
C ASP A 191 24.33 3.75 -4.64
N VAL A 192 24.57 4.98 -5.12
CA VAL A 192 23.59 6.04 -4.91
C VAL A 192 22.33 5.82 -5.73
N CYS A 193 22.41 5.05 -6.82
CA CYS A 193 21.20 4.65 -7.53
C CYS A 193 20.33 3.75 -6.66
N GLN A 194 20.94 2.73 -6.05
CA GLN A 194 20.20 1.82 -5.18
C GLN A 194 19.71 2.52 -3.91
N LEU A 195 20.47 3.48 -3.40
CA LEU A 195 20.03 4.22 -2.22
C LEU A 195 18.78 5.04 -2.52
N LEU A 196 18.64 5.53 -3.74
CA LEU A 196 17.45 6.29 -4.15
C LEU A 196 16.36 5.40 -4.72
N GLY A 197 16.55 4.09 -4.72
CA GLY A 197 15.55 3.18 -5.27
C GLY A 197 15.52 3.16 -6.79
N LEU A 198 16.69 3.12 -7.43
CA LEU A 198 16.80 3.12 -8.88
C LEU A 198 17.58 1.88 -9.33
N GLY A 199 17.76 1.76 -10.64
CA GLY A 199 18.44 0.61 -11.21
C GLY A 199 19.94 0.74 -11.26
N SER A 200 20.53 0.40 -12.40
CA SER A 200 21.97 0.45 -12.61
C SER A 200 22.40 1.83 -13.07
N GLY A 201 23.61 2.22 -12.65
CA GLY A 201 24.14 3.53 -12.98
C GLY A 201 24.27 3.81 -14.46
N ASN A 202 23.70 4.91 -14.91
CA ASN A 202 23.75 5.33 -16.30
C ASN A 202 24.68 6.54 -16.44
N SER A 203 24.71 7.10 -17.65
CA SER A 203 25.58 8.23 -17.96
C SER A 203 25.27 9.43 -17.08
N SER A 204 26.23 9.81 -16.24
CA SER A 204 26.10 10.96 -15.36
C SER A 204 27.28 11.90 -15.59
N LYS A 205 26.99 13.19 -15.77
CA LYS A 205 28.03 14.17 -16.06
C LYS A 205 27.66 15.52 -15.47
N PRO A 206 28.63 16.30 -15.03
CA PRO A 206 28.34 17.63 -14.50
C PRO A 206 28.14 18.65 -15.61
N ILE A 207 27.74 19.85 -15.21
CA ILE A 207 27.51 20.95 -16.16
C ILE A 207 28.41 22.11 -15.79
N PHE A 208 28.22 22.68 -14.60
CA PHE A 208 29.02 23.81 -14.13
C PHE A 208 28.78 24.01 -12.63
N PRO A 209 29.78 24.50 -11.89
CA PRO A 209 29.59 24.74 -10.46
C PRO A 209 28.66 25.92 -10.21
N THR A 210 27.58 25.67 -9.48
CA THR A 210 26.60 26.70 -9.17
C THR A 210 26.22 26.78 -7.69
N ASP A 211 26.36 25.71 -6.92
CA ASP A 211 25.99 25.69 -5.52
C ASP A 211 27.22 25.87 -4.66
N GLY A 212 27.15 26.79 -3.70
CA GLY A 212 28.23 27.07 -2.78
C GLY A 212 28.08 26.46 -1.41
N GLY A 213 27.18 25.50 -1.22
CA GLY A 213 26.99 24.89 0.06
C GLY A 213 28.11 23.95 0.42
N PRO A 214 27.98 23.28 1.58
CA PRO A 214 29.03 22.36 2.02
C PRO A 214 29.07 21.09 1.18
N PHE A 215 29.64 21.18 -0.02
CA PHE A 215 29.73 20.04 -0.92
C PHE A 215 30.54 18.90 -0.28
N VAL A 216 30.25 17.68 -0.73
CA VAL A 216 30.84 16.48 -0.16
C VAL A 216 31.65 15.76 -1.23
N LYS A 217 32.65 15.00 -0.79
CA LYS A 217 33.48 14.18 -1.67
C LYS A 217 33.16 12.72 -1.38
N LEU A 218 32.51 12.06 -2.33
CA LEU A 218 32.14 10.65 -2.15
C LEU A 218 33.33 9.76 -2.45
N ASN A 219 33.59 8.81 -1.55
CA ASN A 219 34.67 7.85 -1.70
C ASN A 219 34.12 6.44 -1.56
N THR A 220 34.86 5.48 -2.11
CA THR A 220 34.48 4.07 -2.08
C THR A 220 35.39 3.31 -1.13
N ALA A 221 34.89 2.18 -0.66
CA ALA A 221 35.61 1.31 0.26
C ALA A 221 35.29 -0.14 -0.06
N PRO A 222 36.25 -1.04 0.12
CA PRO A 222 36.02 -2.45 -0.24
C PRO A 222 35.05 -3.18 0.69
N ASP A 223 34.81 -2.67 1.90
CA ASP A 223 33.92 -3.35 2.82
C ASP A 223 32.46 -3.19 2.43
N GLY A 224 32.11 -2.12 1.71
CA GLY A 224 30.76 -1.85 1.27
C GLY A 224 30.23 -0.51 1.72
N HIS A 225 30.61 -0.06 2.91
CA HIS A 225 30.16 1.22 3.43
C HIS A 225 30.89 2.36 2.74
N LEU A 226 30.15 3.42 2.41
CA LEU A 226 30.71 4.58 1.74
C LEU A 226 31.17 5.61 2.77
N ILE A 227 32.33 6.21 2.50
CA ILE A 227 32.92 7.22 3.36
C ILE A 227 32.85 8.55 2.64
N LEU A 228 32.16 9.52 3.24
CA LEU A 228 31.98 10.84 2.65
C LEU A 228 32.26 11.91 3.71
N THR A 229 33.00 12.93 3.31
CA THR A 229 33.36 14.02 4.21
C THR A 229 32.99 15.35 3.57
N PRO A 230 32.01 16.07 4.13
CA PRO A 230 31.61 17.37 3.54
C PRO A 230 32.62 18.46 3.82
N SER A 231 33.73 18.46 3.09
CA SER A 231 34.78 19.45 3.26
C SER A 231 34.59 20.59 2.27
N GLN A 232 34.76 21.82 2.75
CA GLN A 232 34.61 23.02 1.91
C GLN A 232 35.98 23.46 1.37
N GLN A 233 36.63 22.53 0.67
CA GLN A 233 37.93 22.79 0.03
C GLN A 233 37.92 22.07 -1.31
N CYS A 234 37.49 22.77 -2.37
CA CYS A 234 37.45 22.20 -3.70
C CYS A 234 37.25 23.28 -4.75
N LEU A 235 38.08 23.26 -5.79
CA LEU A 235 37.95 24.16 -6.92
C LEU A 235 37.25 23.46 -8.08
N GLN A 236 36.70 24.27 -8.99
CA GLN A 236 35.95 23.83 -10.17
C GLN A 236 35.05 22.64 -9.82
N ASP A 237 34.14 22.87 -8.87
CA ASP A 237 33.24 21.83 -8.40
C ASP A 237 32.39 21.29 -9.55
N SER A 238 32.03 20.01 -9.44
CA SER A 238 31.26 19.32 -10.47
C SER A 238 29.95 18.84 -9.85
N LEU A 239 28.84 19.47 -10.24
CA LEU A 239 27.53 19.09 -9.76
C LEU A 239 26.99 17.93 -10.59
N ILE A 240 26.88 16.76 -9.98
CA ILE A 240 26.49 15.55 -10.71
C ILE A 240 25.00 15.65 -11.06
N ARG A 241 24.71 15.69 -12.36
CA ARG A 241 23.33 15.59 -12.84
C ARG A 241 23.01 14.11 -12.92
N LEU A 242 22.57 13.54 -11.79
CA LEU A 242 22.36 12.11 -11.68
C LEU A 242 21.20 11.67 -12.56
N GLN A 243 21.51 10.90 -13.59
CA GLN A 243 20.52 10.31 -14.50
C GLN A 243 20.67 8.80 -14.40
N CYS A 244 19.83 8.17 -13.58
CA CYS A 244 19.86 6.74 -13.35
C CYS A 244 18.51 6.14 -13.68
N ASN A 245 18.52 5.04 -14.43
CA ASN A 245 17.28 4.40 -14.83
C ASN A 245 16.62 3.70 -13.63
N HIS A 246 15.37 3.29 -13.83
CA HIS A 246 14.61 2.67 -12.77
C HIS A 246 15.07 1.22 -12.56
N LYS A 247 14.53 0.59 -11.53
CA LYS A 247 14.88 -0.78 -11.18
C LYS A 247 14.27 -1.75 -12.20
N SER A 248 14.43 -3.04 -11.91
CA SER A 248 13.85 -4.08 -12.76
C SER A 248 12.34 -4.14 -12.55
N CYS A 249 11.60 -3.34 -13.33
CA CYS A 249 10.16 -3.23 -13.17
C CYS A 249 9.47 -4.42 -13.84
N GLY A 250 8.15 -4.33 -13.98
CA GLY A 250 7.36 -5.44 -14.49
C GLY A 250 7.54 -5.70 -15.98
N LYS A 251 8.71 -6.20 -16.35
CA LYS A 251 8.98 -6.60 -17.72
C LYS A 251 8.89 -8.12 -17.82
N LYS A 252 8.05 -8.60 -18.74
CA LYS A 252 7.86 -10.03 -18.91
C LYS A 252 9.14 -10.65 -19.46
N LEU A 253 9.86 -11.38 -18.60
CA LEU A 253 11.12 -12.01 -18.98
C LEU A 253 10.97 -13.48 -19.33
N ALA A 254 9.76 -14.02 -19.30
CA ALA A 254 9.55 -15.42 -19.61
C ALA A 254 9.72 -15.65 -21.12
N ALA A 255 9.62 -16.92 -21.51
CA ALA A 255 9.77 -17.31 -22.91
C ALA A 255 8.43 -17.32 -23.64
N GLN A 256 7.71 -16.21 -23.58
CA GLN A 256 6.42 -16.10 -24.25
C GLN A 256 6.62 -15.93 -25.76
N ASP A 257 5.72 -16.53 -26.52
CA ASP A 257 5.76 -16.47 -27.97
C ASP A 257 4.78 -15.41 -28.48
N ILE A 258 4.67 -15.30 -29.79
CA ILE A 258 3.78 -14.34 -30.44
C ILE A 258 2.61 -15.12 -31.05
N THR A 259 1.39 -14.78 -30.62
CA THR A 259 0.18 -15.43 -31.12
C THR A 259 -0.96 -14.44 -30.99
N PRO A 260 -1.28 -13.70 -32.05
CA PRO A 260 -2.38 -12.72 -32.00
C PRO A 260 -3.76 -13.37 -32.13
N LYS A 261 -4.09 -14.22 -31.16
CA LYS A 261 -5.38 -14.90 -31.14
C LYS A 261 -6.11 -14.67 -29.83
N ILE B 1 -12.31 -13.02 -14.12
CA ILE B 1 -12.43 -12.76 -15.55
C ILE B 1 -13.43 -13.72 -16.17
N VAL B 2 -14.43 -13.19 -16.85
CA VAL B 2 -15.46 -14.00 -17.49
C VAL B 2 -15.28 -14.12 -19.00
N GLY B 3 -14.62 -13.16 -19.63
CA GLY B 3 -14.45 -13.19 -21.08
C GLY B 3 -12.99 -13.26 -21.50
N GLY B 4 -12.19 -14.05 -20.79
CA GLY B 4 -10.78 -14.19 -21.10
C GLY B 4 -10.39 -15.65 -21.25
N SER B 5 -9.19 -15.85 -21.79
CA SER B 5 -8.63 -17.16 -22.03
C SER B 5 -7.51 -17.44 -21.03
N ASN B 6 -6.99 -18.66 -21.09
CA ASN B 6 -5.90 -19.06 -20.19
C ASN B 6 -4.63 -18.28 -20.52
N ALA B 7 -3.85 -18.01 -19.48
CA ALA B 7 -2.60 -17.28 -19.61
C ALA B 7 -1.42 -18.24 -19.68
N LYS B 8 -0.38 -17.82 -20.37
CA LYS B 8 0.84 -18.61 -20.48
C LYS B 8 1.63 -18.52 -19.17
N GLU B 9 2.35 -19.59 -18.85
CA GLU B 9 3.15 -19.61 -17.64
C GLU B 9 4.25 -18.56 -17.71
N GLY B 10 4.31 -17.71 -16.69
CA GLY B 10 5.28 -16.63 -16.66
C GLY B 10 4.83 -15.35 -17.34
N ALA B 11 3.59 -15.29 -17.84
CA ALA B 11 3.13 -14.08 -18.50
C ALA B 11 2.89 -12.94 -17.51
N TRP B 12 2.46 -13.26 -16.29
CA TRP B 12 2.22 -12.27 -15.25
C TRP B 12 3.00 -12.68 -14.01
N PRO B 13 4.30 -12.35 -13.95
CA PRO B 13 5.12 -12.74 -12.81
C PRO B 13 4.90 -11.91 -11.55
N TRP B 14 3.90 -11.03 -11.53
CA TRP B 14 3.60 -10.23 -10.35
C TRP B 14 2.25 -10.54 -9.72
N VAL B 15 1.33 -11.15 -10.46
CA VAL B 15 0.02 -11.50 -9.92
C VAL B 15 0.19 -12.70 -8.99
N VAL B 16 -0.11 -12.49 -7.71
CA VAL B 16 0.02 -13.53 -6.70
C VAL B 16 -1.36 -13.86 -6.14
N GLY B 17 -1.46 -15.02 -5.51
CA GLY B 17 -2.70 -15.49 -4.92
C GLY B 17 -2.59 -15.54 -3.41
N LEU B 18 -3.58 -14.94 -2.75
CA LEU B 18 -3.62 -14.86 -1.30
C LEU B 18 -4.61 -15.88 -0.77
N TYR B 19 -4.12 -16.82 0.04
CA TYR B 19 -4.95 -17.87 0.62
C TYR B 19 -5.18 -17.57 2.10
N TYR B 20 -6.43 -17.64 2.52
CA TYR B 20 -6.83 -17.41 3.90
C TYR B 20 -7.57 -18.65 4.40
N GLY B 21 -6.87 -19.49 5.16
CA GLY B 21 -7.47 -20.72 5.65
C GLY B 21 -7.60 -21.81 4.61
N GLY B 22 -6.59 -22.01 3.78
CA GLY B 22 -6.62 -23.04 2.77
C GLY B 22 -7.63 -22.79 1.66
N ARG B 23 -7.81 -21.54 1.26
CA ARG B 23 -8.76 -21.20 0.21
C ARG B 23 -8.38 -19.85 -0.38
N LEU B 24 -8.38 -19.76 -1.71
CA LEU B 24 -8.04 -18.51 -2.38
C LEU B 24 -9.20 -17.53 -2.24
N LEU B 25 -8.93 -16.38 -1.63
CA LEU B 25 -9.94 -15.36 -1.39
C LEU B 25 -9.69 -14.06 -2.12
N CYS B 26 -8.45 -13.58 -2.14
CA CYS B 26 -8.13 -12.27 -2.68
C CYS B 26 -6.85 -12.36 -3.51
N GLY B 27 -6.67 -11.38 -4.39
CA GLY B 27 -5.47 -11.28 -5.20
C GLY B 27 -4.65 -10.06 -4.84
N ALA B 28 -3.37 -10.11 -5.23
CA ALA B 28 -2.45 -9.02 -4.95
C ALA B 28 -1.46 -8.92 -6.10
N SER B 29 -0.52 -7.97 -5.96
CA SER B 29 0.49 -7.73 -6.98
C SER B 29 1.84 -7.48 -6.32
N LEU B 30 2.86 -8.20 -6.77
CA LEU B 30 4.20 -8.01 -6.23
C LEU B 30 4.76 -6.67 -6.68
N VAL B 31 5.17 -5.86 -5.71
CA VAL B 31 5.69 -4.52 -6.01
C VAL B 31 7.14 -4.41 -5.54
N SER B 32 7.47 -5.17 -4.49
CA SER B 32 8.81 -5.16 -3.94
C SER B 32 9.19 -6.58 -3.55
N SER B 33 10.37 -6.72 -2.93
CA SER B 33 10.84 -8.03 -2.51
C SER B 33 10.12 -8.55 -1.27
N ASP B 34 9.43 -7.69 -0.54
CA ASP B 34 8.73 -8.11 0.67
C ASP B 34 7.37 -7.46 0.85
N TRP B 35 6.89 -6.68 -0.12
CA TRP B 35 5.63 -5.97 0.00
C TRP B 35 4.69 -6.35 -1.15
N LEU B 36 3.40 -6.26 -0.88
CA LEU B 36 2.35 -6.51 -1.86
C LEU B 36 1.38 -5.34 -1.87
N VAL B 37 0.49 -5.35 -2.86
CA VAL B 37 -0.56 -4.35 -2.98
C VAL B 37 -1.85 -5.07 -3.37
N SER B 38 -2.88 -4.94 -2.52
CA SER B 38 -4.15 -5.61 -2.75
C SER B 38 -5.28 -4.69 -2.31
N ALA B 39 -6.51 -5.10 -2.62
CA ALA B 39 -7.67 -4.33 -2.21
C ALA B 39 -7.89 -4.44 -0.72
N ALA B 40 -8.36 -3.34 -0.12
CA ALA B 40 -8.59 -3.30 1.32
C ALA B 40 -9.92 -3.91 1.74
N HIS B 41 -10.88 -4.02 0.81
CA HIS B 41 -12.18 -4.57 1.18
C HIS B 41 -12.14 -6.07 1.40
N CYS B 42 -11.15 -6.77 0.84
CA CYS B 42 -11.04 -8.21 1.03
C CYS B 42 -10.27 -8.58 2.29
N VAL B 43 -9.35 -7.72 2.72
CA VAL B 43 -8.63 -7.91 3.97
C VAL B 43 -9.27 -7.12 5.12
N TYR B 44 -10.41 -6.48 4.87
CA TYR B 44 -11.11 -5.71 5.89
C TYR B 44 -11.66 -6.66 6.95
N GLY B 45 -11.06 -6.63 8.13
CA GLY B 45 -11.45 -7.52 9.22
C GLY B 45 -10.57 -8.74 9.38
N ARG B 46 -9.51 -8.87 8.57
CA ARG B 46 -8.59 -9.99 8.68
C ARG B 46 -7.15 -9.55 8.90
N ASN B 47 -6.90 -8.25 9.05
CA ASN B 47 -5.55 -7.74 9.26
C ASN B 47 -5.06 -7.93 10.69
N LEU B 48 -5.89 -8.45 11.58
CA LEU B 48 -5.45 -8.66 12.96
C LEU B 48 -4.50 -9.85 13.07
N GLU B 49 -4.72 -10.90 12.27
CA GLU B 49 -3.87 -12.09 12.25
C GLU B 49 -3.26 -12.23 10.86
N PRO B 50 -2.15 -11.55 10.59
CA PRO B 50 -1.52 -11.68 9.27
C PRO B 50 -0.95 -13.05 8.98
N SER B 51 -0.66 -13.85 10.02
CA SER B 51 -0.09 -15.17 9.80
C SER B 51 -1.05 -16.12 9.10
N LYS B 52 -2.35 -15.83 9.15
CA LYS B 52 -3.33 -16.66 8.45
C LYS B 52 -3.36 -16.41 6.95
N TRP B 53 -2.63 -15.41 6.46
CA TRP B 53 -2.54 -15.11 5.04
C TRP B 53 -1.22 -15.66 4.50
N THR B 54 -1.31 -16.63 3.60
CA THR B 54 -0.15 -17.21 2.94
C THR B 54 -0.16 -16.79 1.48
N ALA B 55 0.89 -16.06 1.07
CA ALA B 55 1.01 -15.59 -0.30
C ALA B 55 1.69 -16.65 -1.16
N ILE B 56 1.12 -16.88 -2.34
CA ILE B 56 1.64 -17.86 -3.28
C ILE B 56 2.13 -17.07 -4.50
N LEU B 57 3.45 -16.91 -4.59
CA LEU B 57 4.06 -16.16 -5.67
C LEU B 57 4.38 -17.07 -6.85
N GLY B 58 4.35 -16.50 -8.05
CA GLY B 58 4.59 -17.29 -9.25
C GLY B 58 3.56 -18.34 -9.53
N LEU B 59 2.34 -18.19 -8.99
CA LEU B 59 1.30 -19.18 -9.19
C LEU B 59 0.76 -19.13 -10.61
N HIS B 60 0.63 -20.30 -11.23
CA HIS B 60 0.06 -20.41 -12.57
C HIS B 60 -1.25 -21.21 -12.57
N MET B 61 -1.24 -22.39 -11.97
CA MET B 61 -2.43 -23.24 -11.88
C MET B 61 -2.72 -23.54 -10.41
N LYS B 62 -3.99 -23.46 -10.04
CA LYS B 62 -4.40 -23.66 -8.65
C LYS B 62 -4.31 -25.12 -8.21
N SER B 63 -3.89 -26.04 -9.08
CA SER B 63 -3.73 -27.43 -8.71
C SER B 63 -2.27 -27.87 -8.65
N ASN B 64 -1.33 -27.05 -9.10
CA ASN B 64 0.09 -27.36 -9.09
C ASN B 64 0.81 -26.36 -8.18
N LEU B 65 0.88 -26.67 -6.89
CA LEU B 65 1.56 -25.82 -5.93
C LEU B 65 2.93 -26.34 -5.54
N THR B 66 3.25 -27.59 -5.86
CA THR B 66 4.54 -28.18 -5.55
C THR B 66 5.58 -27.90 -6.64
N SER B 67 5.24 -27.11 -7.64
CA SER B 67 6.18 -26.81 -8.71
C SER B 67 7.35 -25.98 -8.17
N PRO B 68 8.54 -26.12 -8.76
CA PRO B 68 9.69 -25.35 -8.26
C PRO B 68 9.58 -23.87 -8.53
N GLN B 69 8.76 -23.44 -9.49
CA GLN B 69 8.59 -22.02 -9.75
C GLN B 69 7.77 -21.33 -8.68
N THR B 70 6.93 -22.06 -7.96
CA THR B 70 6.10 -21.47 -6.91
C THR B 70 6.93 -21.26 -5.66
N VAL B 71 6.89 -20.04 -5.12
CA VAL B 71 7.61 -19.67 -3.91
C VAL B 71 6.60 -19.15 -2.90
N PRO B 72 6.17 -19.97 -1.96
CA PRO B 72 5.19 -19.53 -0.96
C PRO B 72 5.83 -18.69 0.13
N ARG B 73 5.06 -17.73 0.63
CA ARG B 73 5.50 -16.84 1.70
C ARG B 73 4.35 -16.60 2.66
N LEU B 74 4.69 -16.10 3.84
CA LEU B 74 3.71 -15.79 4.87
C LEU B 74 3.68 -14.28 5.12
N ILE B 75 2.50 -13.80 5.52
CA ILE B 75 2.28 -12.38 5.78
C ILE B 75 2.47 -12.12 7.27
N ASP B 76 3.18 -11.05 7.60
CA ASP B 76 3.38 -10.65 8.99
C ASP B 76 2.85 -9.26 9.30
N GLU B 77 2.39 -8.51 8.30
CA GLU B 77 1.88 -7.17 8.53
C GLU B 77 0.94 -6.80 7.39
N ILE B 78 -0.25 -6.31 7.73
CA ILE B 78 -1.24 -5.88 6.76
C ILE B 78 -1.61 -4.44 7.10
N VAL B 79 -1.37 -3.52 6.16
CA VAL B 79 -1.62 -2.10 6.35
C VAL B 79 -2.76 -1.69 5.43
N ILE B 80 -3.87 -1.25 6.03
CA ILE B 80 -5.02 -0.76 5.28
C ILE B 80 -4.89 0.74 5.13
N ASN B 81 -5.32 1.26 3.98
CA ASN B 81 -5.22 2.68 3.72
C ASN B 81 -6.04 3.46 4.75
N PRO B 82 -5.49 4.54 5.33
CA PRO B 82 -6.26 5.27 6.35
C PRO B 82 -7.53 5.91 5.80
N HIS B 83 -7.50 6.40 4.56
CA HIS B 83 -8.65 7.05 3.96
C HIS B 83 -9.69 6.06 3.43
N TYR B 84 -9.55 4.78 3.75
CA TYR B 84 -10.49 3.79 3.25
C TYR B 84 -11.84 3.92 3.94
N ASN B 85 -12.91 3.67 3.18
CA ASN B 85 -14.28 3.72 3.71
C ASN B 85 -15.07 2.63 3.00
N ARG B 86 -15.43 1.58 3.75
CA ARG B 86 -16.13 0.45 3.14
C ARG B 86 -17.52 0.84 2.65
N ARG B 87 -18.17 1.79 3.31
CA ARG B 87 -19.51 2.21 2.88
C ARG B 87 -19.45 2.95 1.56
N ARG B 88 -18.51 3.89 1.42
CA ARG B 88 -18.35 4.63 0.17
C ARG B 88 -17.46 3.90 -0.84
N LYS B 89 -16.81 2.81 -0.42
CA LYS B 89 -15.93 2.02 -1.30
C LYS B 89 -14.82 2.87 -1.91
N ASP B 90 -14.37 3.89 -1.18
CA ASP B 90 -13.32 4.78 -1.65
C ASP B 90 -12.00 4.43 -0.95
N ASN B 91 -10.91 4.68 -1.67
CA ASN B 91 -9.55 4.39 -1.19
C ASN B 91 -9.40 2.91 -0.85
N ASP B 92 -9.97 2.05 -1.69
CA ASP B 92 -9.93 0.60 -1.48
C ASP B 92 -8.56 0.09 -1.93
N ILE B 93 -7.61 0.09 -1.00
CA ILE B 93 -6.25 -0.35 -1.28
C ILE B 93 -5.58 -0.69 0.05
N ALA B 94 -4.77 -1.74 0.05
CA ALA B 94 -4.06 -2.17 1.24
C ALA B 94 -2.76 -2.85 0.84
N MET B 95 -1.75 -2.69 1.68
CA MET B 95 -0.44 -3.31 1.46
C MET B 95 -0.22 -4.43 2.47
N MET B 96 0.45 -5.48 2.02
CA MET B 96 0.72 -6.64 2.86
C MET B 96 2.21 -6.96 2.82
N HIS B 97 2.81 -7.13 3.99
CA HIS B 97 4.24 -7.37 4.11
C HIS B 97 4.54 -8.86 4.14
N LEU B 98 5.72 -9.22 3.60
CA LEU B 98 6.18 -10.59 3.58
C LEU B 98 7.20 -10.81 4.69
N GLU B 99 7.19 -12.02 5.25
CA GLU B 99 8.13 -12.37 6.31
C GLU B 99 9.55 -12.43 5.78
N PHE B 100 9.79 -13.28 4.79
CA PHE B 100 11.12 -13.47 4.20
C PHE B 100 11.12 -12.91 2.78
N LYS B 101 12.31 -12.50 2.34
CA LYS B 101 12.47 -11.99 0.98
C LYS B 101 12.26 -13.11 -0.03
N VAL B 102 11.87 -12.72 -1.24
CA VAL B 102 11.65 -13.66 -2.34
C VAL B 102 12.61 -13.30 -3.47
N ASN B 103 13.39 -14.28 -3.91
CA ASN B 103 14.33 -14.03 -5.00
C ASN B 103 13.58 -13.88 -6.32
N TYR B 104 13.97 -12.87 -7.09
CA TYR B 104 13.34 -12.62 -8.38
C TYR B 104 13.81 -13.68 -9.38
N THR B 105 12.86 -14.42 -9.92
CA THR B 105 13.14 -15.49 -10.87
C THR B 105 12.46 -15.16 -12.20
N ASP B 106 12.51 -16.13 -13.14
CA ASP B 106 11.90 -15.94 -14.44
C ASP B 106 10.38 -15.89 -14.35
N TYR B 107 9.79 -16.41 -13.29
CA TYR B 107 8.35 -16.44 -13.11
C TYR B 107 7.88 -15.54 -11.97
N ILE B 108 8.78 -14.79 -11.35
CA ILE B 108 8.44 -13.91 -10.23
C ILE B 108 9.17 -12.59 -10.45
N GLN B 109 8.43 -11.52 -10.76
CA GLN B 109 8.98 -10.21 -10.98
C GLN B 109 8.03 -9.16 -10.38
N PRO B 110 8.57 -8.09 -9.81
CA PRO B 110 7.70 -7.06 -9.22
C PRO B 110 7.06 -6.18 -10.28
N ILE B 111 5.83 -5.77 -9.99
CA ILE B 111 5.10 -4.89 -10.92
C ILE B 111 5.62 -3.47 -10.78
N CYS B 112 5.30 -2.65 -11.78
CA CYS B 112 5.77 -1.27 -11.83
C CYS B 112 4.68 -0.32 -11.33
N LEU B 113 5.09 0.75 -10.66
CA LEU B 113 4.16 1.74 -10.15
C LEU B 113 4.15 2.98 -11.03
N PRO B 114 2.99 3.57 -11.28
CA PRO B 114 2.94 4.80 -12.09
C PRO B 114 3.53 5.97 -11.33
N GLU B 115 4.37 6.74 -12.01
CA GLU B 115 5.03 7.88 -11.39
C GLU B 115 4.05 9.02 -11.17
N GLU B 116 4.53 10.09 -10.55
CA GLU B 116 3.69 11.25 -10.27
C GLU B 116 3.40 12.02 -11.55
N ASN B 117 2.19 12.58 -11.64
CA ASN B 117 1.74 13.33 -12.81
C ASN B 117 1.82 12.48 -14.07
N GLN B 118 1.36 11.23 -13.97
CA GLN B 118 1.33 10.29 -15.08
C GLN B 118 -0.09 9.75 -15.18
N VAL B 119 -0.86 10.30 -16.09
CA VAL B 119 -2.27 9.94 -16.27
C VAL B 119 -2.40 9.01 -17.47
N PHE B 120 -3.26 8.01 -17.35
CA PHE B 120 -3.53 7.09 -18.45
C PHE B 120 -4.74 7.59 -19.23
N PRO B 121 -4.61 7.82 -20.53
CA PRO B 121 -5.74 8.35 -21.32
C PRO B 121 -6.84 7.33 -21.45
N PRO B 122 -8.10 7.76 -21.48
CA PRO B 122 -9.21 6.83 -21.64
C PRO B 122 -9.15 6.13 -23.00
N GLY B 123 -9.93 5.06 -23.11
CA GLY B 123 -9.93 4.27 -24.32
C GLY B 123 -8.66 3.49 -24.57
N ARG B 124 -7.84 3.30 -23.54
CA ARG B 124 -6.58 2.58 -23.66
C ARG B 124 -6.75 1.17 -23.10
N ASN B 125 -6.41 0.17 -23.90
CA ASN B 125 -6.55 -1.22 -23.46
C ASN B 125 -5.54 -1.54 -22.36
N CYS B 126 -6.05 -2.02 -21.23
CA CYS B 126 -5.21 -2.47 -20.12
C CYS B 126 -5.58 -3.90 -19.78
N SER B 127 -4.57 -4.76 -19.66
CA SER B 127 -4.81 -6.16 -19.40
C SER B 127 -5.06 -6.41 -17.91
N ILE B 128 -5.88 -7.43 -17.62
CA ILE B 128 -6.19 -7.84 -16.26
C ILE B 128 -5.84 -9.32 -16.10
N ALA B 129 -5.79 -9.75 -14.85
CA ALA B 129 -5.47 -11.14 -14.53
C ALA B 129 -6.10 -11.50 -13.20
N GLY B 130 -5.92 -12.75 -12.79
CA GLY B 130 -6.46 -13.23 -11.53
C GLY B 130 -7.25 -14.52 -11.72
N TRP B 131 -7.34 -15.29 -10.63
CA TRP B 131 -8.08 -16.56 -10.65
C TRP B 131 -9.52 -16.35 -10.20
N GLY B 132 -10.21 -15.49 -10.94
CA GLY B 132 -11.60 -15.17 -10.65
C GLY B 132 -12.56 -16.26 -11.10
N THR B 133 -13.78 -15.86 -11.39
CA THR B 133 -14.83 -16.77 -11.84
C THR B 133 -15.10 -16.55 -13.32
N VAL B 134 -15.32 -17.65 -14.06
CA VAL B 134 -15.61 -17.56 -15.49
C VAL B 134 -17.01 -17.06 -15.76
N VAL B 135 -17.87 -16.99 -14.76
CA VAL B 135 -19.23 -16.50 -14.91
C VAL B 135 -19.68 -15.96 -13.56
N TYR B 136 -20.74 -15.14 -13.56
CA TYR B 136 -21.22 -14.55 -12.32
C TYR B 136 -21.68 -15.61 -11.34
N GLN B 137 -22.65 -16.44 -11.74
CA GLN B 137 -23.16 -17.51 -10.90
C GLN B 137 -22.51 -18.82 -11.35
N GLY B 138 -21.30 -19.07 -10.84
CA GLY B 138 -20.56 -20.27 -11.16
C GLY B 138 -19.48 -20.54 -10.13
N THR B 139 -18.35 -21.05 -10.59
CA THR B 139 -17.22 -21.38 -9.74
C THR B 139 -15.97 -20.65 -10.22
N THR B 140 -14.86 -20.87 -9.52
CA THR B 140 -13.61 -20.22 -9.85
C THR B 140 -12.96 -20.90 -11.05
N ALA B 141 -11.77 -20.44 -11.41
CA ALA B 141 -11.02 -20.97 -12.54
C ALA B 141 -9.70 -21.54 -12.04
N ASN B 142 -9.39 -22.77 -12.47
CA ASN B 142 -8.16 -23.42 -12.04
C ASN B 142 -6.94 -22.76 -12.70
N ILE B 143 -7.05 -22.42 -13.98
CA ILE B 143 -5.96 -21.79 -14.72
C ILE B 143 -6.04 -20.28 -14.52
N LEU B 144 -4.88 -19.63 -14.53
CA LEU B 144 -4.82 -18.17 -14.41
C LEU B 144 -5.45 -17.54 -15.65
N GLN B 145 -6.60 -16.91 -15.47
CA GLN B 145 -7.29 -16.25 -16.56
C GLN B 145 -6.75 -14.83 -16.76
N GLU B 146 -6.94 -14.31 -17.97
CA GLU B 146 -6.49 -12.96 -18.29
C GLU B 146 -7.32 -12.45 -19.46
N ALA B 147 -7.47 -11.13 -19.52
CA ALA B 147 -8.25 -10.48 -20.56
C ALA B 147 -7.67 -9.10 -20.82
N ASP B 148 -8.41 -8.29 -21.58
CA ASP B 148 -7.98 -6.94 -21.91
C ASP B 148 -9.21 -6.05 -21.99
N VAL B 149 -9.22 -4.98 -21.20
CA VAL B 149 -10.37 -4.07 -21.15
C VAL B 149 -9.91 -2.64 -21.41
N PRO B 150 -10.67 -1.84 -22.15
CA PRO B 150 -10.29 -0.46 -22.39
C PRO B 150 -10.70 0.44 -21.23
N LEU B 151 -9.93 1.52 -21.07
CA LEU B 151 -10.20 2.47 -20.00
C LEU B 151 -11.34 3.41 -20.37
N LEU B 152 -12.05 3.88 -19.35
CA LEU B 152 -13.13 4.84 -19.50
C LEU B 152 -12.83 6.10 -18.70
N SER B 153 -13.58 7.16 -18.99
CA SER B 153 -13.42 8.41 -18.27
C SER B 153 -14.26 8.42 -17.01
N ASN B 154 -13.88 9.28 -16.06
CA ASN B 154 -14.62 9.37 -14.80
C ASN B 154 -16.04 9.86 -15.03
N GLU B 155 -16.22 10.80 -15.96
CA GLU B 155 -17.56 11.32 -16.23
C GLU B 155 -18.45 10.25 -16.84
N ARG B 156 -17.95 9.54 -17.85
CA ARG B 156 -18.73 8.49 -18.48
C ARG B 156 -19.02 7.36 -17.50
N CYS B 157 -18.05 7.03 -16.65
CA CYS B 157 -18.27 5.99 -15.66
C CYS B 157 -19.32 6.40 -14.63
N GLN B 158 -19.28 7.67 -14.20
CA GLN B 158 -20.29 8.16 -13.27
C GLN B 158 -21.67 8.17 -13.93
N GLN B 159 -21.74 8.51 -15.21
CA GLN B 159 -23.01 8.47 -15.92
C GLN B 159 -23.53 7.05 -16.08
N GLN B 160 -22.64 6.08 -16.24
CA GLN B 160 -23.03 4.68 -16.38
C GLN B 160 -23.18 3.96 -15.05
N MET B 161 -22.70 4.55 -13.94
CA MET B 161 -22.79 3.97 -12.61
C MET B 161 -23.50 4.95 -11.69
N PRO B 162 -24.83 5.03 -11.74
CA PRO B 162 -25.55 5.95 -10.85
C PRO B 162 -25.72 5.42 -9.44
N GLU B 163 -25.57 4.11 -9.21
CA GLU B 163 -25.73 3.55 -7.88
C GLU B 163 -24.54 3.84 -6.96
N TYR B 164 -23.43 4.31 -7.50
CA TYR B 164 -22.23 4.57 -6.71
C TYR B 164 -21.74 5.98 -6.97
N ASN B 165 -20.83 6.43 -6.12
CA ASN B 165 -20.25 7.77 -6.19
C ASN B 165 -18.79 7.62 -6.59
N ILE B 166 -18.52 7.65 -7.90
CA ILE B 166 -17.17 7.49 -8.42
C ILE B 166 -16.38 8.77 -8.10
N THR B 167 -15.45 8.67 -7.16
CA THR B 167 -14.64 9.80 -6.76
C THR B 167 -13.41 9.91 -7.68
N GLU B 168 -12.51 10.85 -7.37
CA GLU B 168 -11.31 11.04 -8.16
C GLU B 168 -10.23 10.01 -7.88
N ASN B 169 -10.44 9.13 -6.90
CA ASN B 169 -9.50 8.06 -6.57
C ASN B 169 -9.92 6.72 -7.19
N MET B 170 -10.69 6.76 -8.27
CA MET B 170 -11.16 5.56 -8.94
C MET B 170 -10.94 5.68 -10.43
N ILE B 171 -10.63 4.55 -11.06
CA ILE B 171 -10.48 4.46 -12.52
C ILE B 171 -11.27 3.26 -13.01
N CYS B 172 -12.11 3.49 -14.00
CA CYS B 172 -12.99 2.45 -14.52
C CYS B 172 -12.43 1.86 -15.81
N ALA B 173 -12.91 0.66 -16.15
CA ALA B 173 -12.48 -0.03 -17.35
C ALA B 173 -13.52 -1.08 -17.71
N GLY B 174 -13.81 -1.19 -18.99
CA GLY B 174 -14.79 -2.15 -19.46
C GLY B 174 -15.33 -1.78 -20.82
N TYR B 175 -15.94 -2.76 -21.47
CA TYR B 175 -16.52 -2.56 -22.79
C TYR B 175 -17.95 -2.03 -22.68
N GLU B 176 -18.42 -1.45 -23.78
CA GLU B 176 -19.78 -0.93 -23.82
C GLU B 176 -20.81 -2.06 -23.74
N GLU B 177 -20.59 -3.13 -24.51
CA GLU B 177 -21.48 -4.28 -24.51
C GLU B 177 -21.15 -5.28 -23.41
N GLY B 178 -20.10 -5.02 -22.62
CA GLY B 178 -19.75 -5.94 -21.55
C GLY B 178 -19.20 -7.26 -22.08
N GLY B 179 -19.40 -8.31 -21.29
CA GLY B 179 -18.95 -9.64 -21.65
C GLY B 179 -17.53 -9.97 -21.23
N ILE B 180 -16.65 -8.97 -21.23
CA ILE B 180 -15.25 -9.17 -20.88
C ILE B 180 -14.94 -8.22 -19.73
N ASP B 181 -14.95 -8.76 -18.51
CA ASP B 181 -14.64 -7.98 -17.31
C ASP B 181 -14.40 -8.94 -16.16
N SER B 182 -13.81 -8.42 -15.09
CA SER B 182 -13.56 -9.22 -13.91
C SER B 182 -14.84 -9.42 -13.11
N CYS B 183 -14.84 -10.46 -12.28
CA CYS B 183 -16.03 -10.80 -11.50
C CYS B 183 -15.65 -11.08 -10.05
N GLN B 184 -16.59 -11.60 -9.27
CA GLN B 184 -16.33 -11.87 -7.86
C GLN B 184 -15.25 -12.94 -7.69
N GLY B 185 -14.64 -12.96 -6.51
CA GLY B 185 -13.55 -13.85 -6.23
C GLY B 185 -12.21 -13.41 -6.76
N ASP B 186 -12.13 -12.27 -7.41
CA ASP B 186 -10.89 -11.73 -7.97
C ASP B 186 -10.60 -10.34 -7.40
N SER B 187 -10.88 -10.16 -6.11
CA SER B 187 -10.60 -8.89 -5.47
C SER B 187 -9.10 -8.63 -5.42
N GLY B 188 -8.73 -7.36 -5.50
CA GLY B 188 -7.34 -6.96 -5.52
C GLY B 188 -6.63 -7.19 -6.84
N GLY B 189 -7.35 -7.65 -7.87
CA GLY B 189 -6.75 -7.88 -9.17
C GLY B 189 -6.22 -6.61 -9.80
N PRO B 190 -5.00 -6.67 -10.34
CA PRO B 190 -4.38 -5.48 -10.91
C PRO B 190 -4.96 -5.13 -12.27
N LEU B 191 -4.89 -3.83 -12.59
CA LEU B 191 -5.25 -3.31 -13.90
C LEU B 191 -3.94 -2.93 -14.58
N MET B 192 -3.34 -3.91 -15.25
CA MET B 192 -2.01 -3.75 -15.84
C MET B 192 -2.14 -3.13 -17.23
N CYS B 193 -1.40 -2.04 -17.45
CA CYS B 193 -1.38 -1.36 -18.73
C CYS B 193 0.06 -1.17 -19.17
N GLN B 194 0.36 -1.59 -20.40
CA GLN B 194 1.72 -1.48 -20.91
C GLN B 194 2.04 -0.04 -21.28
N GLU B 195 3.25 0.39 -20.94
CA GLU B 195 3.69 1.75 -21.23
C GLU B 195 5.19 1.71 -21.46
N ASN B 196 5.62 1.80 -22.72
CA ASN B 196 7.02 1.77 -23.11
C ASN B 196 7.70 0.48 -22.62
N ASN B 197 7.15 -0.65 -23.06
CA ASN B 197 7.64 -1.99 -22.73
C ASN B 197 7.65 -2.24 -21.23
N ARG B 198 6.82 -1.53 -20.47
CA ARG B 198 6.70 -1.71 -19.03
C ARG B 198 5.22 -1.77 -18.66
N TRP B 199 4.88 -2.72 -17.79
CA TRP B 199 3.50 -2.91 -17.34
C TRP B 199 3.34 -2.21 -15.99
N PHE B 200 2.65 -1.07 -16.00
CA PHE B 200 2.40 -0.31 -14.78
C PHE B 200 1.21 -0.87 -14.03
N LEU B 201 1.00 -0.34 -12.82
CA LEU B 201 -0.14 -0.71 -11.98
C LEU B 201 -1.13 0.45 -12.05
N ALA B 202 -2.03 0.38 -13.03
CA ALA B 202 -2.99 1.45 -13.27
C ALA B 202 -4.27 1.30 -12.49
N GLY B 203 -4.42 0.25 -11.70
CA GLY B 203 -5.64 0.07 -10.93
C GLY B 203 -5.72 -1.25 -10.18
N VAL B 204 -6.31 -1.20 -8.99
CA VAL B 204 -6.57 -2.39 -8.17
C VAL B 204 -8.08 -2.59 -8.13
N THR B 205 -8.51 -3.83 -8.35
CA THR B 205 -9.94 -4.16 -8.39
C THR B 205 -10.63 -3.77 -7.08
N SER B 206 -11.54 -2.81 -7.15
CA SER B 206 -12.22 -2.29 -5.96
C SER B 206 -13.60 -2.89 -5.78
N PHE B 207 -14.48 -2.74 -6.77
CA PHE B 207 -15.84 -3.24 -6.68
C PHE B 207 -16.45 -3.25 -8.08
N GLY B 208 -17.75 -3.51 -8.15
CA GLY B 208 -18.47 -3.55 -9.42
C GLY B 208 -19.92 -3.96 -9.23
N TYR B 209 -20.82 -3.38 -10.02
CA TYR B 209 -22.23 -3.70 -9.89
C TYR B 209 -22.49 -5.16 -10.21
N LYS B 210 -22.22 -5.57 -11.45
CA LYS B 210 -22.40 -6.95 -11.86
C LYS B 210 -21.55 -7.19 -13.10
N CYS B 211 -20.86 -8.33 -13.12
CA CYS B 211 -19.91 -8.65 -14.17
C CYS B 211 -20.63 -9.25 -15.36
N ALA B 212 -20.00 -9.12 -16.54
CA ALA B 212 -20.56 -9.59 -17.80
C ALA B 212 -21.91 -8.93 -18.10
N LEU B 213 -22.01 -7.63 -17.84
CA LEU B 213 -23.21 -6.86 -18.08
C LEU B 213 -22.90 -5.68 -18.99
N PRO B 214 -23.72 -5.41 -20.00
CA PRO B 214 -23.44 -4.28 -20.89
C PRO B 214 -23.58 -2.94 -20.17
N ASN B 215 -22.67 -2.02 -20.50
CA ASN B 215 -22.66 -0.66 -19.96
C ASN B 215 -22.50 -0.64 -18.44
N ARG B 216 -21.98 -1.72 -17.85
CA ARG B 216 -21.72 -1.81 -16.41
C ARG B 216 -20.23 -2.10 -16.22
N PRO B 217 -19.39 -1.06 -16.29
CA PRO B 217 -17.95 -1.29 -16.19
C PRO B 217 -17.53 -1.60 -14.76
N GLY B 218 -16.29 -2.04 -14.62
CA GLY B 218 -15.70 -2.33 -13.33
C GLY B 218 -14.86 -1.16 -12.83
N VAL B 219 -14.99 -0.87 -11.54
CA VAL B 219 -14.29 0.25 -10.91
C VAL B 219 -13.02 -0.28 -10.27
N TYR B 220 -11.90 0.42 -10.51
CA TYR B 220 -10.60 0.04 -9.98
C TYR B 220 -10.01 1.21 -9.19
N ALA B 221 -9.32 0.89 -8.11
CA ALA B 221 -8.69 1.91 -7.29
C ALA B 221 -7.53 2.54 -8.05
N ARG B 222 -7.57 3.86 -8.22
CA ARG B 222 -6.54 4.57 -8.97
C ARG B 222 -5.24 4.55 -8.17
N VAL B 223 -4.29 3.74 -8.62
CA VAL B 223 -3.04 3.58 -7.87
C VAL B 223 -2.16 4.80 -8.03
N SER B 224 -2.32 5.56 -9.10
CA SER B 224 -1.50 6.75 -9.31
C SER B 224 -1.72 7.80 -8.23
N ARG B 225 -2.85 7.76 -7.54
CA ARG B 225 -3.09 8.67 -6.43
C ARG B 225 -2.38 8.21 -5.16
N PHE B 226 -2.32 6.89 -4.94
CA PHE B 226 -1.66 6.33 -3.77
C PHE B 226 -0.22 5.93 -4.02
N THR B 227 0.45 6.59 -4.98
CA THR B 227 1.82 6.22 -5.33
C THR B 227 2.76 6.49 -4.16
N GLU B 228 2.70 7.68 -3.59
CA GLU B 228 3.59 8.01 -2.48
C GLU B 228 3.26 7.19 -1.24
N TRP B 229 1.99 6.88 -1.01
CA TRP B 229 1.63 6.05 0.14
C TRP B 229 2.19 4.64 0.01
N ILE B 230 2.26 4.11 -1.20
CA ILE B 230 2.86 2.79 -1.41
C ILE B 230 4.38 2.87 -1.32
N GLN B 231 4.98 3.90 -1.92
CA GLN B 231 6.43 4.02 -1.89
C GLN B 231 6.97 4.30 -0.49
N SER B 232 6.13 4.84 0.41
CA SER B 232 6.57 5.05 1.78
C SER B 232 6.91 3.76 2.48
N PHE B 233 6.24 2.66 2.12
CA PHE B 233 6.51 1.36 2.73
C PHE B 233 7.58 0.57 2.02
N LEU B 234 7.86 0.88 0.75
CA LEU B 234 8.87 0.15 0.00
C LEU B 234 10.29 0.44 0.46
N HIS B 235 10.51 1.49 1.23
CA HIS B 235 11.84 1.83 1.71
C HIS B 235 12.31 0.84 2.78
C1 NAG C . 20.85 4.87 -20.19
C2 NAG C . 21.21 3.45 -20.65
C3 NAG C . 20.94 3.30 -22.15
C4 NAG C . 19.51 3.71 -22.48
C5 NAG C . 19.23 5.11 -21.95
C6 NAG C . 17.80 5.53 -22.15
C7 NAG C . 22.94 2.36 -19.31
C8 NAG C . 24.41 2.13 -19.13
N2 NAG C . 22.59 3.12 -20.34
O3 NAG C . 21.17 1.94 -22.53
O4 NAG C . 19.33 3.69 -23.90
O5 NAG C . 19.49 5.16 -20.55
O6 NAG C . 17.27 5.05 -23.38
O7 NAG C . 22.12 1.86 -18.55
C1 NAG D . 40.85 11.84 -6.60
C2 NAG D . 41.09 13.35 -6.42
C3 NAG D . 42.59 13.66 -6.39
C4 NAG D . 43.29 12.79 -5.36
C5 NAG D . 42.99 11.32 -5.61
C6 NAG D . 43.57 10.40 -4.57
C7 NAG D . 40.69 14.06 -8.76
C8 NAG D . 39.89 14.96 -9.64
N2 NAG D . 40.41 14.14 -7.44
O3 NAG D . 42.79 15.04 -6.08
O4 NAG D . 44.70 12.99 -5.44
O5 NAG D . 41.56 11.11 -5.59
O6 NAG D . 44.89 10.79 -4.22
O7 NAG D . 41.54 13.30 -9.20
C1 NAG E . 17.52 25.07 -9.01
C2 NAG E . 18.86 25.81 -8.96
C3 NAG E . 18.72 27.10 -8.16
C4 NAG E . 17.58 27.94 -8.71
C5 NAG E . 16.30 27.13 -8.78
C6 NAG E . 15.16 27.87 -9.44
C7 NAG E . 20.73 24.23 -9.13
C8 NAG E . 21.75 23.41 -8.37
N2 NAG E . 19.90 24.96 -8.39
O3 NAG E . 19.95 27.82 -8.21
O4 NAG E . 17.38 29.09 -7.88
O5 NAG E . 16.52 25.94 -9.55
O6 NAG E . 15.38 29.27 -9.42
O7 NAG E . 20.69 24.23 -10.35
C1 NAG F . -11.08 2.18 30.73
C2 NAG F . -9.99 3.23 30.97
C3 NAG F . -8.79 2.60 31.67
C4 NAG F . -9.23 1.89 32.93
C5 NAG F . -10.34 0.89 32.63
C6 NAG F . -10.91 0.23 33.86
C7 NAG F . -9.45 5.19 29.59
C8 NAG F . -9.76 6.02 30.80
N2 NAG F . -9.58 3.87 29.73
O3 NAG F . -7.83 3.60 31.98
O4 NAG F . -8.13 1.19 33.51
O5 NAG F . -11.43 1.57 31.98
O6 NAG F . -10.61 0.98 35.03
O7 NAG F . -9.11 5.71 28.52
C1 NAG G . -23.24 12.75 30.53
C2 NAG G . -23.44 14.20 30.08
C3 NAG G . -24.59 14.84 30.86
C4 NAG G . -25.86 13.99 30.74
C5 NAG G . -25.56 12.55 31.15
C6 NAG G . -26.74 11.63 30.94
C7 NAG G . -21.70 15.73 29.27
C8 NAG G . -22.45 15.75 27.98
N2 NAG G . -22.23 14.97 30.24
O3 NAG G . -24.83 16.15 30.35
O4 NAG G . -26.88 14.52 31.56
O5 NAG G . -24.47 12.03 30.38
O6 NAG G . -27.38 11.88 29.70
O7 NAG G . -20.67 16.38 29.44
C1 NAG H . -20.71 12.26 -5.23
C2 NAG H . -22.00 13.05 -5.50
C3 NAG H . -21.70 14.53 -5.59
C4 NAG H . -20.93 15.01 -4.35
C5 NAG H . -19.70 14.14 -4.13
C6 NAG H . -18.97 14.48 -2.85
C7 NAG H . -23.66 11.68 -6.69
C8 NAG H . -24.23 11.32 -8.02
N2 NAG H . -22.67 12.58 -6.69
O3 NAG H . -22.92 15.27 -5.72
O4 NAG H . -20.54 16.37 -4.52
O5 NAG H . -20.08 12.77 -4.05
O6 NAG H . -19.87 14.62 -1.76
O7 NAG H . -24.09 11.20 -5.65
C1 NAG I . -8.55 -2.92 -27.63
C2 NAG I . -8.27 -2.29 -28.99
C3 NAG I . -9.45 -2.51 -29.93
C4 NAG I . -9.80 -3.99 -30.00
C5 NAG I . -10.03 -4.55 -28.59
C6 NAG I . -10.27 -6.03 -28.57
C7 NAG I . -6.77 -0.36 -29.09
C8 NAG I . -6.64 1.13 -28.92
N2 NAG I . -7.97 -0.87 -28.87
O3 NAG I . -9.12 -2.04 -31.23
O4 NAG I . -10.99 -4.18 -30.76
O5 NAG I . -8.87 -4.30 -27.79
O6 NAG I . -10.21 -6.56 -27.25
O7 NAG I . -5.80 -1.05 -29.43
C1 NAG J . 18.20 -16.15 -2.83
C2 NAG J . 18.51 -17.64 -2.61
C3 NAG J . 19.45 -17.81 -1.42
C4 NAG J . 20.68 -16.94 -1.58
C5 NAG J . 20.28 -15.49 -1.82
C6 NAG J . 21.46 -14.59 -2.10
C7 NAG J . 16.41 -18.24 -1.46
C8 NAG J . 15.23 -19.17 -1.48
N2 NAG J . 17.30 -18.43 -2.45
O3 NAG J . 19.83 -19.18 -1.32
O4 NAG J . 21.48 -17.01 -0.40
O5 NAG J . 19.42 -15.42 -2.97
O6 NAG J . 22.33 -15.16 -3.08
O7 NAG J . 16.55 -17.39 -0.59
C1 NAG K . 1.03 -30.79 -12.03
C2 NAG K . -0.12 -31.74 -12.38
C3 NAG K . 0.43 -33.07 -12.86
C4 NAG K . 1.43 -32.88 -13.99
C5 NAG K . 2.51 -31.89 -13.57
C6 NAG K . 3.47 -31.55 -14.69
C7 NAG K . -2.29 -31.52 -11.27
C8 NAG K . -3.07 -31.79 -10.02
N2 NAG K . -1.01 -31.92 -11.26
O3 NAG K . -0.64 -33.90 -13.29
O4 NAG K . 2.03 -34.12 -14.33
O5 NAG K . 1.91 -30.65 -13.16
O6 NAG K . 3.72 -32.68 -15.51
O7 NAG K . -2.80 -30.97 -12.25
#